data_4Z3V
#
_entry.id   4Z3V
#
_cell.length_a   73.092
_cell.length_b   104.100
_cell.length_c   38.078
_cell.angle_alpha   90.000
_cell.angle_beta   90.000
_cell.angle_gamma   90.000
#
_symmetry.space_group_name_H-M   'P 21 21 2'
#
loop_
_entity.id
_entity.type
_entity.pdbx_description
1 polymer 'Tyrosine-protein kinase BTK'
2 non-polymer IMIDAZOLE
3 non-polymer 'ISOPROPYL ALCOHOL'
4 non-polymer 1,2-ETHANEDIOL
5 non-polymer 4-amino-8-(5-methyl-1H-indazol-6-yl)cinnoline-3-carboxamide
6 water water
#
_entity_poly.entity_id   1
_entity_poly.type   'polypeptide(L)'
_entity_poly.pdbx_seq_one_letter_code
;GPLPGKNAPSTAGLGYGSWEIDPKDLTFLKELGTGQFGVVKYGKWRGQYDVAIKMIKEGSMSEDEFIEEAKVMMNLSHEK
LVQLYGVCTKQRPIFIITEYMANGCLLNYLREMRHRFQTQQLLEMCKDVCEAMEYLESKQFLHRDLAARNCLVNDQGVVK
VSDFGLSRYVLDDEYTSSVGSKFPVRWSPPEVLMYSKFSSKSDIWAFGVLMWEIYSLGKMPYERFTNSETAEHIAQGLRL
YRPHLASEKVYTIMYSCWHEKADERPTFKILLSNILDVMDEES
;
_entity_poly.pdbx_strand_id   A
#
loop_
_chem_comp.id
_chem_comp.type
_chem_comp.name
_chem_comp.formula
4L6 non-polymer 4-amino-8-(5-methyl-1H-indazol-6-yl)cinnoline-3-carboxamide 'C17 H14 N6 O'
EDO non-polymer 1,2-ETHANEDIOL 'C2 H6 O2'
IMD non-polymer IMIDAZOLE 'C3 H5 N2 1'
IPA non-polymer 'ISOPROPYL ALCOHOL' 'C3 H8 O'
#
# COMPACT_ATOMS: atom_id res chain seq x y z
N GLY A 13 18.70 11.13 -25.45
CA GLY A 13 19.42 10.69 -24.21
C GLY A 13 20.11 11.80 -23.45
N LEU A 14 20.55 12.83 -24.18
CA LEU A 14 21.26 14.00 -23.62
C LEU A 14 20.60 14.65 -22.41
N GLY A 15 19.30 14.95 -22.52
CA GLY A 15 18.58 15.64 -21.46
C GLY A 15 18.21 14.82 -20.23
N TYR A 16 18.58 13.55 -20.22
CA TYR A 16 18.00 12.58 -19.27
C TYR A 16 18.95 12.03 -18.21
N GLY A 17 18.54 12.17 -16.94
CA GLY A 17 19.23 11.51 -15.82
C GLY A 17 18.85 10.04 -15.76
N SER A 18 19.46 9.28 -14.85
CA SER A 18 19.22 7.84 -14.78
C SER A 18 17.82 7.50 -14.29
N TRP A 19 17.20 8.46 -13.62
CA TRP A 19 15.83 8.34 -13.10
C TRP A 19 14.79 8.80 -14.14
N GLU A 20 15.27 9.18 -15.32
CA GLU A 20 14.42 9.84 -16.33
C GLU A 20 14.09 8.95 -17.52
N ILE A 21 12.79 8.89 -17.84
CA ILE A 21 12.27 8.16 -18.99
C ILE A 21 11.76 9.16 -20.02
N ASP A 22 12.07 8.90 -21.29
CA ASP A 22 11.57 9.72 -22.39
C ASP A 22 10.13 9.31 -22.66
N PRO A 23 9.16 10.23 -22.48
CA PRO A 23 7.77 9.84 -22.71
C PRO A 23 7.51 9.43 -24.15
N LYS A 24 8.39 9.82 -25.07
CA LYS A 24 8.23 9.42 -26.47
C LYS A 24 8.46 7.93 -26.66
N ASP A 25 9.07 7.29 -25.66
CA ASP A 25 9.28 5.82 -25.68
C ASP A 25 8.05 5.04 -25.23
N LEU A 26 6.98 5.75 -24.88
CA LEU A 26 5.76 5.11 -24.37
C LEU A 26 4.70 4.94 -25.43
N THR A 27 4.04 3.77 -25.39
CA THR A 27 2.84 3.51 -26.18
C THR A 27 1.71 3.27 -25.18
N PHE A 28 0.64 4.06 -25.28
CA PHE A 28 -0.51 3.97 -24.36
C PHE A 28 -1.55 2.96 -24.84
N LEU A 29 -1.92 2.01 -23.98
CA LEU A 29 -2.77 0.88 -24.41
C LEU A 29 -4.19 0.80 -23.84
N LYS A 30 -4.34 0.96 -22.52
CA LYS A 30 -5.66 1.00 -21.84
C LYS A 30 -5.58 1.63 -20.46
N GLU A 31 -6.72 2.11 -19.95
CA GLU A 31 -6.81 2.66 -18.59
C GLU A 31 -6.90 1.52 -17.57
N LEU A 32 -6.12 1.64 -16.48
CA LEU A 32 -6.09 0.60 -15.44
C LEU A 32 -6.88 0.97 -14.20
N GLY A 33 -6.97 2.27 -13.92
CA GLY A 33 -7.65 2.74 -12.71
C GLY A 33 -7.27 4.15 -12.32
N THR A 34 -7.76 4.59 -11.18
CA THR A 34 -7.57 5.96 -10.71
C THR A 34 -7.35 6.00 -9.20
N GLY A 35 -6.98 7.17 -8.68
CA GLY A 35 -6.73 7.34 -7.26
C GLY A 35 -6.37 8.78 -6.97
N GLN A 36 -5.70 9.02 -5.84
CA GLN A 36 -5.41 10.38 -5.40
C GLN A 36 -4.65 11.24 -6.40
N PHE A 37 -3.80 10.63 -7.23
CA PHE A 37 -3.05 11.39 -8.22
C PHE A 37 -3.62 11.25 -9.64
N GLY A 38 -4.80 10.64 -9.75
CA GLY A 38 -5.47 10.52 -11.03
C GLY A 38 -5.27 9.18 -11.73
N VAL A 39 -5.32 9.22 -13.06
CA VAL A 39 -5.38 7.99 -13.87
C VAL A 39 -4.05 7.26 -14.02
N VAL A 40 -4.14 5.95 -14.12
CA VAL A 40 -2.98 5.09 -14.41
C VAL A 40 -3.35 4.28 -15.64
N LYS A 41 -2.44 4.23 -16.63
CA LYS A 41 -2.70 3.50 -17.86
C LYS A 41 -1.68 2.39 -18.06
N TYR A 42 -2.08 1.33 -18.75
CA TYR A 42 -1.14 0.31 -19.20
C TYR A 42 -0.53 0.76 -20.51
N GLY A 43 0.77 0.51 -20.64
CA GLY A 43 1.48 0.86 -21.86
C GLY A 43 2.66 -0.04 -22.13
N LYS A 44 3.33 0.21 -23.25
CA LYS A 44 4.58 -0.45 -23.58
C LYS A 44 5.68 0.61 -23.63
N TRP A 45 6.85 0.26 -23.13
CA TRP A 45 8.05 1.07 -23.24
C TRP A 45 8.94 0.48 -24.32
N ARG A 46 9.33 1.33 -25.27
CA ARG A 46 10.12 0.90 -26.45
C ARG A 46 9.52 -0.32 -27.13
N GLY A 47 8.19 -0.27 -27.26
CA GLY A 47 7.39 -1.20 -28.04
C GLY A 47 7.22 -2.59 -27.47
N GLN A 48 7.90 -2.88 -26.37
CA GLN A 48 8.05 -4.25 -25.93
C GLN A 48 7.76 -4.51 -24.46
N TYR A 49 8.12 -3.57 -23.60
CA TYR A 49 8.14 -3.82 -22.16
C TYR A 49 6.90 -3.26 -21.47
N ASP A 50 6.14 -4.14 -20.82
CA ASP A 50 4.92 -3.71 -20.10
C ASP A 50 5.26 -2.72 -18.98
N VAL A 51 4.49 -1.64 -18.93
CA VAL A 51 4.61 -0.64 -17.85
C VAL A 51 3.23 -0.13 -17.46
N ALA A 52 3.15 0.39 -16.23
CA ALA A 52 2.02 1.22 -15.83
C ALA A 52 2.50 2.68 -15.84
N ILE A 53 1.65 3.57 -16.35
CA ILE A 53 2.00 4.98 -16.52
C ILE A 53 1.04 5.76 -15.63
N LYS A 54 1.57 6.23 -14.50
CA LYS A 54 0.81 7.08 -13.58
C LYS A 54 0.85 8.50 -14.11
N MET A 55 -0.29 8.97 -14.62
CA MET A 55 -0.40 10.31 -15.19
C MET A 55 -0.82 11.31 -14.11
N ILE A 56 0.17 11.88 -13.43
CA ILE A 56 -0.07 12.71 -12.24
C ILE A 56 -0.91 13.94 -12.60
N LYS A 57 -2.07 14.06 -11.95
CA LYS A 57 -3.00 15.16 -12.21
C LYS A 57 -2.38 16.49 -11.81
N GLU A 58 -2.48 17.48 -12.69
CA GLU A 58 -1.93 18.80 -12.39
C GLU A 58 -2.48 19.31 -11.07
N GLY A 59 -1.59 19.81 -10.22
CA GLY A 59 -1.96 20.37 -8.92
C GLY A 59 -2.18 19.38 -7.79
N SER A 60 -2.03 18.07 -8.07
CA SER A 60 -2.26 17.05 -7.05
C SER A 60 -1.03 16.72 -6.23
N MET A 61 0.15 17.02 -6.77
CA MET A 61 1.39 16.52 -6.17
C MET A 61 2.45 17.62 -6.00
N SER A 62 3.22 17.51 -4.92
CA SER A 62 4.40 18.34 -4.70
C SER A 62 5.51 17.75 -5.56
N GLU A 63 5.56 18.17 -6.83
CA GLU A 63 6.33 17.45 -7.85
C GLU A 63 7.84 17.56 -7.69
N ASP A 64 8.35 18.76 -7.35
CA ASP A 64 9.80 18.91 -7.18
C ASP A 64 10.31 18.08 -6.01
N GLU A 65 9.56 18.09 -4.91
CA GLU A 65 9.90 17.23 -3.77
C GLU A 65 9.85 15.75 -4.13
N PHE A 66 8.79 15.35 -4.82
CA PHE A 66 8.73 13.96 -5.27
C PHE A 66 9.93 13.57 -6.15
N ILE A 67 10.28 14.44 -7.11
CA ILE A 67 11.33 14.07 -8.08
C ILE A 67 12.64 13.80 -7.37
N GLU A 68 12.97 14.63 -6.38
CA GLU A 68 14.13 14.37 -5.56
C GLU A 68 14.00 13.01 -4.87
N GLU A 69 12.83 12.73 -4.29
CA GLU A 69 12.64 11.44 -3.64
C GLU A 69 12.69 10.26 -4.59
N ALA A 70 12.23 10.47 -5.83
CA ALA A 70 12.24 9.40 -6.83
C ALA A 70 13.62 8.81 -7.01
N LYS A 71 14.65 9.64 -6.83
CA LYS A 71 16.03 9.22 -6.99
C LYS A 71 16.41 8.17 -5.95
N VAL A 72 15.86 8.33 -4.76
CA VAL A 72 16.05 7.39 -3.65
C VAL A 72 15.21 6.14 -3.90
N MET A 73 13.98 6.35 -4.33
CA MET A 73 13.05 5.26 -4.62
C MET A 73 13.56 4.33 -5.74
N MET A 74 14.31 4.88 -6.69
CA MET A 74 14.89 4.09 -7.79
C MET A 74 15.75 2.95 -7.28
N ASN A 75 16.29 3.13 -6.08
CA ASN A 75 17.19 2.15 -5.48
C ASN A 75 16.50 1.14 -4.55
N LEU A 76 15.19 1.32 -4.36
CA LEU A 76 14.38 0.35 -3.63
C LEU A 76 13.96 -0.74 -4.62
N SER A 77 14.34 -1.99 -4.32
CA SER A 77 13.99 -3.09 -5.21
C SER A 77 13.80 -4.37 -4.40
N HIS A 78 12.62 -4.93 -4.53
CA HIS A 78 12.29 -6.16 -3.86
C HIS A 78 11.18 -6.81 -4.67
N GLU A 79 11.20 -8.14 -4.75
CA GLU A 79 10.22 -8.86 -5.58
C GLU A 79 8.75 -8.63 -5.19
N LYS A 80 8.49 -8.18 -3.95
CA LYS A 80 7.10 -7.94 -3.50
C LYS A 80 6.76 -6.46 -3.41
N LEU A 81 7.63 -5.63 -3.98
CA LEU A 81 7.47 -4.19 -4.02
C LEU A 81 7.27 -3.80 -5.49
N VAL A 82 6.21 -3.04 -5.80
CA VAL A 82 5.99 -2.59 -7.19
C VAL A 82 7.21 -1.74 -7.59
N GLN A 83 7.87 -2.12 -8.68
CA GLN A 83 9.14 -1.48 -9.05
C GLN A 83 8.93 -0.12 -9.69
N LEU A 84 9.69 0.87 -9.25
CA LEU A 84 9.72 2.17 -9.92
C LEU A 84 10.69 2.04 -11.08
N TYR A 85 10.25 2.40 -12.28
CA TYR A 85 11.14 2.31 -13.44
C TYR A 85 11.77 3.65 -13.78
N GLY A 86 11.05 4.72 -13.50
CA GLY A 86 11.52 6.05 -13.81
C GLY A 86 10.42 7.07 -13.82
N VAL A 87 10.78 8.31 -14.19
CA VAL A 87 9.85 9.41 -14.14
C VAL A 87 10.01 10.26 -15.40
N CYS A 88 8.91 10.82 -15.89
CA CYS A 88 8.95 11.74 -17.03
C CYS A 88 8.76 13.13 -16.45
N THR A 89 9.84 13.91 -16.41
CA THR A 89 9.90 15.16 -15.64
C THR A 89 10.07 16.43 -16.47
N LYS A 90 10.02 16.33 -17.78
CA LYS A 90 10.25 17.50 -18.65
C LYS A 90 8.95 18.10 -19.18
N GLN A 91 7.89 18.03 -18.39
CA GLN A 91 6.56 18.35 -18.89
C GLN A 91 5.68 19.12 -17.90
N ARG A 92 5.51 18.54 -16.71
CA ARG A 92 4.64 19.04 -15.62
C ARG A 92 3.14 18.68 -15.70
N PRO A 93 2.72 18.05 -16.81
CA PRO A 93 1.82 16.91 -16.61
C PRO A 93 2.72 15.66 -16.50
N ILE A 94 3.41 15.51 -15.38
CA ILE A 94 4.45 14.48 -15.20
C ILE A 94 3.96 13.05 -15.08
N PHE A 95 4.81 12.09 -15.47
CA PHE A 95 4.44 10.67 -15.36
C PHE A 95 5.38 9.94 -14.42
N ILE A 96 4.82 8.99 -13.67
CA ILE A 96 5.60 7.99 -12.92
C ILE A 96 5.42 6.64 -13.59
N ILE A 97 6.52 5.99 -13.93
CA ILE A 97 6.46 4.74 -14.70
C ILE A 97 6.82 3.60 -13.75
N THR A 98 5.90 2.65 -13.60
CA THR A 98 6.09 1.55 -12.65
C THR A 98 5.81 0.18 -13.29
N GLU A 99 6.17 -0.86 -12.54
CA GLU A 99 5.78 -2.23 -12.85
C GLU A 99 4.27 -2.37 -13.12
N TYR A 100 3.93 -3.08 -14.19
CA TYR A 100 2.56 -3.34 -14.57
C TYR A 100 2.03 -4.52 -13.76
N MET A 101 0.88 -4.30 -13.13
CA MET A 101 0.23 -5.31 -12.30
C MET A 101 -1.15 -5.58 -12.89
N ALA A 102 -1.23 -6.66 -13.68
CA ALA A 102 -2.37 -6.88 -14.58
C ALA A 102 -3.71 -7.06 -13.87
N ASN A 103 -3.68 -7.56 -12.64
CA ASN A 103 -4.93 -7.83 -11.92
C ASN A 103 -5.40 -6.71 -11.01
N GLY A 104 -4.72 -5.56 -11.07
CA GLY A 104 -5.24 -4.36 -10.42
C GLY A 104 -5.09 -4.31 -8.92
N CYS A 105 -5.91 -3.48 -8.29
CA CYS A 105 -5.71 -3.28 -6.86
C CYS A 105 -6.28 -4.44 -6.04
N LEU A 106 -5.59 -4.71 -4.95
CA LEU A 106 -5.95 -5.81 -4.07
C LEU A 106 -7.36 -5.66 -3.52
N LEU A 107 -7.78 -4.43 -3.22
CA LEU A 107 -9.11 -4.25 -2.63
C LEU A 107 -10.20 -4.75 -3.58
N ASN A 108 -10.12 -4.32 -4.85
CA ASN A 108 -11.11 -4.82 -5.82
C ASN A 108 -11.02 -6.33 -6.05
N TYR A 109 -9.80 -6.85 -6.03
CA TYR A 109 -9.54 -8.28 -6.24
C TYR A 109 -10.20 -9.12 -5.14
N LEU A 110 -10.02 -8.68 -3.89
CA LEU A 110 -10.61 -9.38 -2.75
C LEU A 110 -12.13 -9.40 -2.83
N ARG A 111 -12.71 -8.33 -3.37
CA ARG A 111 -14.17 -8.18 -3.43
C ARG A 111 -14.83 -8.99 -4.54
N GLU A 112 -14.03 -9.55 -5.44
CA GLU A 112 -14.60 -10.37 -6.50
C GLU A 112 -14.85 -11.76 -5.97
N MET A 113 -16.12 -12.09 -5.70
CA MET A 113 -16.44 -13.38 -5.06
C MET A 113 -16.16 -14.59 -5.95
N ARG A 114 -16.03 -14.40 -7.26
CA ARG A 114 -15.73 -15.53 -8.15
C ARG A 114 -14.43 -16.25 -7.81
N HIS A 115 -13.47 -15.54 -7.21
CA HIS A 115 -12.18 -16.15 -6.94
C HIS A 115 -12.27 -17.32 -5.99
N ARG A 116 -13.27 -17.28 -5.12
CA ARG A 116 -13.52 -18.38 -4.18
C ARG A 116 -12.22 -18.77 -3.46
N PHE A 117 -11.59 -17.78 -2.83
CA PHE A 117 -10.26 -17.98 -2.25
C PHE A 117 -10.25 -19.02 -1.14
N GLN A 118 -9.17 -19.81 -1.11
CA GLN A 118 -8.84 -20.62 0.07
C GLN A 118 -8.11 -19.75 1.06
N THR A 119 -8.19 -20.12 2.33
CA THR A 119 -7.47 -19.32 3.34
C THR A 119 -5.94 -19.39 3.13
N GLN A 120 -5.44 -20.47 2.53
CA GLN A 120 -4.01 -20.56 2.22
C GLN A 120 -3.61 -19.42 1.28
N GLN A 121 -4.48 -19.09 0.33
CA GLN A 121 -4.22 -17.98 -0.59
C GLN A 121 -4.21 -16.64 0.15
N LEU A 122 -5.13 -16.49 1.09
CA LEU A 122 -5.23 -15.25 1.87
C LEU A 122 -3.97 -15.04 2.70
N LEU A 123 -3.48 -16.12 3.33
CA LEU A 123 -2.25 -16.02 4.12
C LEU A 123 -1.05 -15.69 3.23
N GLU A 124 -1.02 -16.25 2.01
CA GLU A 124 0.06 -15.93 1.08
C GLU A 124 0.08 -14.45 0.69
N MET A 125 -1.11 -13.84 0.57
CA MET A 125 -1.21 -12.42 0.25
C MET A 125 -0.63 -11.61 1.40
N CYS A 126 -0.96 -12.00 2.63
CA CYS A 126 -0.37 -11.36 3.83
C CYS A 126 1.14 -11.49 3.84
N LYS A 127 1.66 -12.66 3.47
CA LYS A 127 3.11 -12.88 3.49
C LYS A 127 3.80 -12.04 2.42
N ASP A 128 3.20 -11.94 1.23
CA ASP A 128 3.74 -11.11 0.14
C ASP A 128 3.93 -9.68 0.67
N VAL A 129 2.88 -9.12 1.28
CA VAL A 129 2.91 -7.74 1.78
C VAL A 129 3.93 -7.63 2.92
N CYS A 130 3.96 -8.63 3.80
CA CYS A 130 4.88 -8.60 4.96
C CYS A 130 6.34 -8.62 4.50
N GLU A 131 6.64 -9.39 3.46
CA GLU A 131 8.00 -9.43 2.90
C GLU A 131 8.43 -8.06 2.36
N ALA A 132 7.53 -7.39 1.63
CA ALA A 132 7.81 -6.06 1.09
C ALA A 132 8.03 -5.09 2.26
N MET A 133 7.22 -5.24 3.29
CA MET A 133 7.30 -4.29 4.41
C MET A 133 8.53 -4.52 5.27
N GLU A 134 8.93 -5.79 5.42
CA GLU A 134 10.17 -6.09 6.12
C GLU A 134 11.36 -5.46 5.38
N TYR A 135 11.33 -5.53 4.05
CA TYR A 135 12.35 -4.87 3.22
C TYR A 135 12.35 -3.36 3.43
N LEU A 136 11.17 -2.72 3.35
CA LEU A 136 11.10 -1.27 3.56
C LEU A 136 11.61 -0.92 4.97
N GLU A 137 11.24 -1.73 5.96
CA GLU A 137 11.64 -1.46 7.34
C GLU A 137 13.17 -1.56 7.48
N SER A 138 13.77 -2.48 6.72
CA SER A 138 15.22 -2.64 6.76
C SER A 138 15.95 -1.42 6.14
N LYS A 139 15.25 -0.73 5.26
CA LYS A 139 15.75 0.53 4.66
C LYS A 139 15.30 1.78 5.42
N GLN A 140 14.67 1.57 6.58
CA GLN A 140 14.07 2.66 7.40
C GLN A 140 13.12 3.56 6.60
N PHE A 141 12.37 2.95 5.70
CA PHE A 141 11.49 3.66 4.81
C PHE A 141 10.05 3.35 5.22
N LEU A 142 9.32 4.36 5.65
CA LEU A 142 7.91 4.17 6.00
C LEU A 142 7.01 4.20 4.78
N HIS A 143 6.02 3.32 4.76
CA HIS A 143 5.03 3.41 3.70
C HIS A 143 4.15 4.66 3.89
N ARG A 144 3.64 4.84 5.11
CA ARG A 144 2.78 5.97 5.51
C ARG A 144 1.30 5.89 5.08
N ASP A 145 0.94 4.97 4.18
CA ASP A 145 -0.47 4.79 3.83
C ASP A 145 -0.73 3.35 3.37
N LEU A 146 -0.27 2.42 4.20
CA LEU A 146 -0.47 1.00 3.90
C LEU A 146 -1.94 0.62 4.07
N ALA A 147 -2.49 -0.04 3.05
CA ALA A 147 -3.92 -0.45 3.01
C ALA A 147 -4.12 -1.29 1.76
N ALA A 148 -5.19 -2.07 1.69
CA ALA A 148 -5.43 -2.89 0.50
C ALA A 148 -5.50 -2.08 -0.80
N ARG A 149 -6.03 -0.87 -0.72
CA ARG A 149 -6.11 0.00 -1.90
C ARG A 149 -4.73 0.31 -2.50
N ASN A 150 -3.68 0.24 -1.67
CA ASN A 150 -2.32 0.50 -2.11
C ASN A 150 -1.49 -0.76 -2.33
N CYS A 151 -2.16 -1.90 -2.47
CA CYS A 151 -1.50 -3.12 -2.89
C CYS A 151 -2.07 -3.50 -4.24
N LEU A 152 -1.23 -4.12 -5.07
CA LEU A 152 -1.61 -4.49 -6.45
C LEU A 152 -1.36 -5.97 -6.66
N VAL A 153 -2.01 -6.53 -7.69
CA VAL A 153 -1.96 -7.98 -7.94
C VAL A 153 -1.51 -8.19 -9.37
N ASN A 154 -0.48 -9.01 -9.57
CA ASN A 154 0.00 -9.25 -10.94
C ASN A 154 -0.72 -10.41 -11.62
N ASP A 155 -0.33 -10.73 -12.86
CA ASP A 155 -1.01 -11.79 -13.61
C ASP A 155 -0.87 -13.19 -13.00
N GLN A 156 0.07 -13.36 -12.07
CA GLN A 156 0.31 -14.63 -11.39
C GLN A 156 -0.34 -14.69 -10.01
N GLY A 157 -1.09 -13.64 -9.67
CA GLY A 157 -1.78 -13.56 -8.39
C GLY A 157 -0.89 -13.17 -7.23
N VAL A 158 0.33 -12.71 -7.53
CA VAL A 158 1.26 -12.23 -6.51
C VAL A 158 0.86 -10.81 -6.12
N VAL A 159 0.82 -10.55 -4.81
CA VAL A 159 0.47 -9.22 -4.30
C VAL A 159 1.75 -8.45 -4.06
N LYS A 160 1.75 -7.17 -4.46
CA LYS A 160 2.93 -6.32 -4.24
C LYS A 160 2.50 -5.00 -3.67
N VAL A 161 3.36 -4.40 -2.85
CA VAL A 161 3.06 -3.13 -2.22
C VAL A 161 3.39 -1.96 -3.16
N SER A 162 2.46 -1.02 -3.29
CA SER A 162 2.61 0.08 -4.23
C SER A 162 2.55 1.44 -3.52
N ASP A 163 2.99 2.48 -4.24
CA ASP A 163 2.75 3.88 -3.84
C ASP A 163 3.37 4.21 -2.47
N PHE A 164 4.42 3.48 -2.12
CA PHE A 164 5.06 3.62 -0.79
C PHE A 164 5.67 5.01 -0.65
N GLY A 165 5.37 5.65 0.48
CA GLY A 165 5.85 7.01 0.74
C GLY A 165 5.18 8.15 -0.02
N LEU A 166 4.30 7.85 -0.98
CA LEU A 166 3.75 8.94 -1.82
C LEU A 166 2.78 9.90 -1.14
N SER A 167 2.23 9.53 0.02
CA SER A 167 1.33 10.44 0.75
C SER A 167 2.05 11.72 1.16
N ARG A 168 3.37 11.66 1.24
CA ARG A 168 4.19 12.83 1.62
C ARG A 168 4.08 13.97 0.61
N TYR A 169 3.60 13.66 -0.59
CA TYR A 169 3.59 14.63 -1.70
C TYR A 169 2.19 15.04 -2.11
N VAL A 170 1.19 14.64 -1.31
CA VAL A 170 -0.21 14.95 -1.64
C VAL A 170 -0.54 16.39 -1.21
N LEU A 171 -0.99 17.20 -2.16
CA LEU A 171 -1.26 18.61 -1.85
C LEU A 171 -2.64 18.85 -1.25
N ASP A 172 -3.59 17.95 -1.52
CA ASP A 172 -4.93 18.06 -0.97
C ASP A 172 -4.98 17.87 0.55
N ASP A 173 -5.29 18.96 1.26
CA ASP A 173 -5.27 18.94 2.73
C ASP A 173 -6.33 18.01 3.33
N GLU A 174 -7.38 17.70 2.56
CA GLU A 174 -8.38 16.72 3.03
C GLU A 174 -7.76 15.34 3.27
N TYR A 175 -6.63 15.07 2.63
CA TYR A 175 -5.98 13.76 2.75
C TYR A 175 -4.92 13.74 3.85
N THR A 176 -4.40 14.92 4.17
CA THR A 176 -3.21 15.02 5.01
C THR A 176 -3.54 15.49 6.43
N SER A 177 -4.68 16.17 6.57
CA SER A 177 -5.19 16.57 7.88
C SER A 177 -5.78 15.35 8.56
N SER A 178 -5.43 15.11 9.82
CA SER A 178 -5.95 13.96 10.57
C SER A 178 -7.48 14.01 10.70
N VAL A 179 -8.05 15.21 10.67
CA VAL A 179 -9.51 15.36 10.64
C VAL A 179 -10.05 15.63 9.24
N GLY A 180 -9.19 15.48 8.23
CA GLY A 180 -9.62 15.62 6.85
C GLY A 180 -10.55 14.50 6.43
N SER A 181 -11.46 14.82 5.52
CA SER A 181 -12.44 13.87 4.99
C SER A 181 -11.80 12.65 4.33
N LYS A 182 -10.55 12.80 3.89
CA LYS A 182 -9.89 11.75 3.13
C LYS A 182 -8.68 11.12 3.85
N PHE A 183 -8.45 11.52 5.11
CA PHE A 183 -7.36 10.92 5.90
C PHE A 183 -7.69 9.45 6.20
N PRO A 184 -6.68 8.56 6.17
CA PRO A 184 -6.94 7.13 6.41
C PRO A 184 -7.11 6.79 7.90
N VAL A 185 -8.15 7.36 8.49
CA VAL A 185 -8.48 7.13 9.89
C VAL A 185 -8.54 5.64 10.23
N ARG A 186 -9.19 4.86 9.38
CA ARG A 186 -9.48 3.46 9.72
C ARG A 186 -8.22 2.60 9.67
N TRP A 187 -7.11 3.16 9.21
CA TRP A 187 -5.84 2.42 9.13
C TRP A 187 -4.80 2.98 10.11
N SER A 188 -5.24 3.84 11.02
CA SER A 188 -4.30 4.62 11.85
C SER A 188 -4.34 4.26 13.33
N PRO A 189 -3.17 4.15 13.98
CA PRO A 189 -3.13 3.90 15.42
C PRO A 189 -3.51 5.13 16.24
N PRO A 190 -3.80 4.94 17.53
CA PRO A 190 -4.23 6.07 18.39
C PRO A 190 -3.23 7.23 18.37
N GLU A 191 -1.93 6.94 18.35
CA GLU A 191 -0.94 8.02 18.47
C GLU A 191 -0.88 8.86 17.18
N VAL A 192 -1.29 8.29 16.05
CA VAL A 192 -1.40 9.06 14.82
C VAL A 192 -2.61 9.97 14.92
N LEU A 193 -3.75 9.40 15.33
CA LEU A 193 -4.99 10.17 15.39
C LEU A 193 -4.92 11.27 16.44
N MET A 194 -4.21 11.01 17.52
CA MET A 194 -4.19 11.93 18.66
C MET A 194 -3.12 12.99 18.51
N TYR A 195 -1.93 12.59 18.05
CA TYR A 195 -0.80 13.54 18.04
C TYR A 195 0.10 13.52 16.81
N SER A 196 -0.36 12.85 15.75
CA SER A 196 0.35 12.78 14.45
C SER A 196 1.74 12.13 14.63
N LYS A 197 1.79 11.11 15.48
CA LYS A 197 3.05 10.40 15.73
C LYS A 197 3.20 9.23 14.77
N PHE A 198 3.87 9.46 13.65
CA PHE A 198 4.15 8.42 12.64
C PHE A 198 5.43 7.72 12.97
N SER A 199 5.47 6.41 12.74
CA SER A 199 6.67 5.62 13.01
C SER A 199 6.57 4.28 12.32
N SER A 200 7.62 3.47 12.48
CA SER A 200 7.54 2.08 12.00
C SER A 200 6.27 1.41 12.55
N LYS A 201 5.90 1.76 13.79
CA LYS A 201 4.78 1.12 14.46
C LYS A 201 3.43 1.58 13.95
N SER A 202 3.36 2.71 13.26
CA SER A 202 2.10 3.07 12.60
C SER A 202 1.92 2.27 11.29
N ASP A 203 3.04 1.95 10.61
CA ASP A 203 2.99 0.98 9.49
C ASP A 203 2.56 -0.40 10.00
N ILE A 204 3.07 -0.81 11.18
CA ILE A 204 2.67 -2.10 11.76
C ILE A 204 1.16 -2.15 12.02
N TRP A 205 0.63 -1.08 12.60
CA TRP A 205 -0.80 -1.03 12.88
C TRP A 205 -1.60 -1.19 11.58
N ALA A 206 -1.21 -0.41 10.57
CA ALA A 206 -1.87 -0.44 9.25
C ALA A 206 -1.80 -1.82 8.63
N PHE A 207 -0.64 -2.51 8.77
CA PHE A 207 -0.51 -3.88 8.28
C PHE A 207 -1.53 -4.82 8.93
N GLY A 208 -1.73 -4.70 10.23
CA GLY A 208 -2.79 -5.47 10.91
C GLY A 208 -4.18 -5.22 10.33
N VAL A 209 -4.52 -3.94 10.07
CA VAL A 209 -5.79 -3.63 9.40
C VAL A 209 -5.84 -4.22 7.99
N LEU A 210 -4.72 -4.19 7.26
CA LEU A 210 -4.64 -4.83 5.95
C LEU A 210 -4.90 -6.34 6.03
N MET A 211 -4.32 -7.03 7.03
CA MET A 211 -4.61 -8.48 7.21
C MET A 211 -6.11 -8.66 7.43
N TRP A 212 -6.70 -7.78 8.25
CA TRP A 212 -8.15 -7.81 8.46
C TRP A 212 -8.91 -7.61 7.15
N GLU A 213 -8.48 -6.67 6.31
CA GLU A 213 -9.15 -6.48 5.01
C GLU A 213 -9.09 -7.73 4.15
N ILE A 214 -7.91 -8.36 4.11
CA ILE A 214 -7.71 -9.57 3.32
C ILE A 214 -8.62 -10.70 3.81
N TYR A 215 -8.59 -10.99 5.11
CA TYR A 215 -9.44 -12.05 5.66
C TYR A 215 -10.94 -11.71 5.62
N SER A 216 -11.29 -10.44 5.46
CA SER A 216 -12.67 -10.00 5.35
C SER A 216 -13.13 -9.88 3.89
N LEU A 217 -12.29 -10.35 2.96
CA LEU A 217 -12.58 -10.23 1.52
C LEU A 217 -12.94 -8.80 1.11
N GLY A 218 -12.24 -7.83 1.71
CA GLY A 218 -12.32 -6.44 1.25
C GLY A 218 -13.43 -5.61 1.87
N LYS A 219 -14.01 -6.09 2.96
CA LYS A 219 -14.92 -5.24 3.71
C LYS A 219 -14.21 -3.98 4.20
N MET A 220 -14.96 -2.89 4.37
CA MET A 220 -14.40 -1.68 4.98
C MET A 220 -14.18 -1.88 6.50
N PRO A 221 -12.98 -1.58 7.01
CA PRO A 221 -12.81 -1.65 8.46
C PRO A 221 -13.80 -0.75 9.20
N TYR A 222 -14.38 -1.25 10.30
CA TYR A 222 -15.34 -0.45 11.12
C TYR A 222 -16.50 0.02 10.26
N GLU A 223 -17.02 -0.87 9.41
CA GLU A 223 -17.98 -0.50 8.35
C GLU A 223 -19.22 0.21 8.82
N ARG A 224 -19.64 0.00 10.07
CA ARG A 224 -20.87 0.64 10.54
C ARG A 224 -20.65 1.98 11.25
N PHE A 225 -19.37 2.38 11.33
CA PHE A 225 -18.97 3.61 12.00
C PHE A 225 -18.51 4.67 11.00
N THR A 226 -18.71 5.93 11.36
CA THR A 226 -18.08 7.03 10.65
C THR A 226 -16.61 7.08 11.04
N ASN A 227 -15.81 7.91 10.35
CA ASN A 227 -14.42 8.16 10.78
C ASN A 227 -14.32 8.69 12.21
N SER A 228 -15.17 9.67 12.56
CA SER A 228 -15.18 10.23 13.90
C SER A 228 -15.44 9.17 14.98
N GLU A 229 -16.44 8.31 14.73
CA GLU A 229 -16.77 7.22 15.63
C GLU A 229 -15.63 6.20 15.75
N THR A 230 -14.98 5.90 14.63
CA THR A 230 -13.84 4.98 14.62
C THR A 230 -12.70 5.50 15.48
N ALA A 231 -12.39 6.79 15.33
CA ALA A 231 -11.32 7.41 16.09
C ALA A 231 -11.61 7.30 17.58
N GLU A 232 -12.87 7.56 17.97
CA GLU A 232 -13.30 7.44 19.37
C GLU A 232 -13.18 5.98 19.86
N HIS A 233 -13.65 5.04 19.04
CA HIS A 233 -13.66 3.60 19.34
C HIS A 233 -12.24 3.16 19.66
N ILE A 234 -11.31 3.48 18.77
CA ILE A 234 -9.98 2.91 18.92
C ILE A 234 -9.21 3.63 20.02
N ALA A 235 -9.49 4.92 20.22
CA ALA A 235 -8.81 5.68 21.28
C ALA A 235 -9.23 5.18 22.67
N GLN A 236 -10.45 4.63 22.74
CA GLN A 236 -11.01 3.96 23.93
C GLN A 236 -10.51 2.52 24.12
N GLY A 237 -9.65 2.06 23.22
CA GLY A 237 -9.04 0.74 23.36
C GLY A 237 -9.79 -0.39 22.67
N LEU A 238 -10.86 -0.07 21.96
CA LEU A 238 -11.61 -1.11 21.29
C LEU A 238 -11.02 -1.34 19.89
N ARG A 239 -11.31 -2.51 19.32
CA ARG A 239 -10.61 -2.97 18.14
C ARG A 239 -11.54 -3.63 17.15
N LEU A 240 -11.06 -3.83 15.92
CA LEU A 240 -11.67 -4.79 15.00
C LEU A 240 -11.69 -6.17 15.64
N TYR A 241 -12.61 -7.01 15.18
CA TYR A 241 -12.64 -8.36 15.69
C TYR A 241 -12.45 -9.39 14.56
N ARG A 242 -12.44 -10.66 14.94
CA ARG A 242 -11.93 -11.72 14.06
C ARG A 242 -12.81 -11.93 12.83
N PRO A 243 -12.24 -11.78 11.62
CA PRO A 243 -12.99 -12.16 10.42
C PRO A 243 -13.32 -13.65 10.44
N HIS A 244 -14.48 -14.03 9.91
CA HIS A 244 -14.85 -15.45 9.89
C HIS A 244 -13.79 -16.39 9.29
N LEU A 245 -13.05 -15.91 8.29
CA LEU A 245 -12.08 -16.74 7.58
C LEU A 245 -10.75 -16.86 8.28
N ALA A 246 -10.52 -16.03 9.30
CA ALA A 246 -9.26 -16.07 10.04
C ALA A 246 -9.28 -17.14 11.13
N SER A 247 -8.28 -18.02 11.13
CA SER A 247 -8.10 -18.92 12.27
C SER A 247 -7.72 -18.14 13.53
N GLU A 248 -7.79 -18.78 14.70
CA GLU A 248 -7.32 -18.14 15.92
C GLU A 248 -5.87 -17.66 15.78
N LYS A 249 -5.01 -18.46 15.17
CA LYS A 249 -3.59 -18.09 15.05
C LYS A 249 -3.41 -16.87 14.14
N VAL A 250 -4.16 -16.83 13.05
CA VAL A 250 -4.11 -15.67 12.16
C VAL A 250 -4.61 -14.41 12.88
N TYR A 251 -5.72 -14.56 13.60
CA TYR A 251 -6.29 -13.44 14.33
C TYR A 251 -5.32 -12.89 15.38
N THR A 252 -4.61 -13.78 16.06
CA THR A 252 -3.58 -13.40 17.03
C THR A 252 -2.50 -12.53 16.37
N ILE A 253 -2.08 -12.89 15.16
CA ILE A 253 -1.09 -12.10 14.43
C ILE A 253 -1.64 -10.69 14.12
N MET A 254 -2.83 -10.59 13.52
CA MET A 254 -3.33 -9.25 13.20
C MET A 254 -3.56 -8.42 14.45
N TYR A 255 -4.07 -9.07 15.51
CA TYR A 255 -4.41 -8.35 16.73
C TYR A 255 -3.15 -7.81 17.40
N SER A 256 -2.04 -8.51 17.24
CA SER A 256 -0.78 -8.08 17.84
C SER A 256 -0.30 -6.73 17.29
N CYS A 257 -0.76 -6.39 16.09
CA CYS A 257 -0.38 -5.13 15.46
C CYS A 257 -1.10 -3.95 16.10
N TRP A 258 -2.10 -4.22 16.95
CA TRP A 258 -2.96 -3.14 17.50
C TRP A 258 -2.75 -2.84 18.97
N HIS A 259 -1.61 -3.24 19.52
CA HIS A 259 -1.34 -2.89 20.92
C HIS A 259 -1.44 -1.38 21.10
N GLU A 260 -2.08 -0.94 22.19
CA GLU A 260 -2.18 0.49 22.45
C GLU A 260 -0.79 1.12 22.55
N LYS A 261 0.12 0.46 23.24
CA LYS A 261 1.52 0.92 23.33
C LYS A 261 2.29 0.52 22.09
N ALA A 262 2.74 1.51 21.32
CA ALA A 262 3.40 1.28 20.03
C ALA A 262 4.61 0.37 20.17
N ASP A 263 5.37 0.54 21.26
CA ASP A 263 6.58 -0.25 21.44
C ASP A 263 6.31 -1.75 21.72
N GLU A 264 5.05 -2.10 22.00
CA GLU A 264 4.68 -3.50 22.22
C GLU A 264 4.21 -4.19 20.94
N ARG A 265 4.11 -3.43 19.86
CA ARG A 265 3.77 -3.99 18.56
C ARG A 265 5.01 -4.67 17.98
N PRO A 266 4.82 -5.76 17.20
CA PRO A 266 5.96 -6.47 16.58
C PRO A 266 6.64 -5.64 15.49
N THR A 267 7.80 -6.12 15.05
CA THR A 267 8.43 -5.64 13.82
C THR A 267 7.91 -6.47 12.65
N PHE A 268 8.20 -6.02 11.42
CA PHE A 268 7.82 -6.80 10.26
C PHE A 268 8.60 -8.11 10.18
N LYS A 269 9.83 -8.13 10.69
CA LYS A 269 10.59 -9.38 10.74
C LYS A 269 9.87 -10.40 11.61
N ILE A 270 9.38 -9.95 12.77
CA ILE A 270 8.68 -10.85 13.70
C ILE A 270 7.34 -11.30 13.10
N LEU A 271 6.61 -10.37 12.48
CA LEU A 271 5.35 -10.73 11.81
C LEU A 271 5.59 -11.78 10.74
N LEU A 272 6.67 -11.61 9.98
CA LEU A 272 6.98 -12.54 8.89
C LEU A 272 7.21 -13.94 9.43
N SER A 273 7.99 -14.03 10.50
CA SER A 273 8.24 -15.30 11.15
C SER A 273 6.94 -15.91 11.65
N ASN A 274 6.07 -15.10 12.24
CA ASN A 274 4.78 -15.61 12.76
C ASN A 274 3.89 -16.14 11.65
N ILE A 275 3.87 -15.41 10.52
CA ILE A 275 3.10 -15.83 9.36
C ILE A 275 3.62 -17.16 8.80
N LEU A 276 4.95 -17.26 8.64
CA LEU A 276 5.52 -18.54 8.20
C LEU A 276 5.24 -19.68 9.16
N ASP A 277 5.27 -19.42 10.47
CA ASP A 277 4.89 -20.45 11.45
C ASP A 277 3.49 -20.96 11.16
N VAL A 278 2.56 -20.04 10.93
CA VAL A 278 1.17 -20.42 10.70
C VAL A 278 1.03 -21.21 9.40
N MET A 279 1.75 -20.79 8.36
CA MET A 279 1.74 -21.53 7.10
C MET A 279 2.20 -22.96 7.32
N ASP A 280 3.20 -23.15 8.17
CA ASP A 280 3.69 -24.52 8.43
C ASP A 280 2.71 -25.32 9.27
N GLU A 281 1.95 -24.65 10.13
CA GLU A 281 1.06 -25.33 11.06
C GLU A 281 -0.33 -25.61 10.48
N GLU A 282 -0.80 -24.74 9.58
CA GLU A 282 -2.17 -24.90 9.07
C GLU A 282 -2.25 -25.13 7.53
N SER A 283 -1.11 -25.42 6.91
CA SER A 283 -1.08 -25.90 5.52
C SER A 283 -0.66 -27.37 5.46
N1 IMD B . -18.52 4.36 4.59
C2 IMD B . -18.04 4.65 5.82
N3 IMD B . -18.31 3.61 6.63
C4 IMD B . -18.97 2.67 5.93
C5 IMD B . -19.11 3.14 4.65
N1 IMD C . 10.98 -0.80 -18.33
C2 IMD C . 12.27 -1.15 -18.26
N3 IMD C . 13.03 -0.03 -18.12
C4 IMD C . 12.18 1.03 -18.09
C5 IMD C . 10.91 0.55 -18.23
C1 IPA D . -0.74 5.73 -30.04
C2 IPA D . -0.89 5.10 -28.65
C3 IPA D . -1.07 3.61 -28.87
O2 IPA D . 0.26 5.38 -27.84
C1 EDO E . -4.03 -21.10 5.77
O1 EDO E . -5.20 -21.91 5.89
C2 EDO E . -2.77 -21.90 6.04
O2 EDO E . -1.69 -21.49 5.19
C1 4L6 F . -2.80 1.83 -6.75
C2 4L6 F . -3.12 3.17 -7.37
C3 4L6 F . -2.71 4.30 -6.69
C4 4L6 F . -2.99 5.56 -7.25
C5 4L6 F . -2.72 6.90 -6.84
N6 4L6 F . -3.21 7.72 -7.74
N7 4L6 F . -3.82 7.00 -8.77
C9 4L6 F . -3.69 5.66 -8.49
C10 4L6 F . -4.09 4.51 -9.16
C11 4L6 F . -3.80 3.27 -8.61
C12 4L6 F . -4.25 2.06 -9.36
C13 4L6 F . -5.58 1.66 -9.38
C14 4L6 F . -5.98 0.52 -10.07
C15 4L6 F . -5.08 -0.25 -10.78
C16 4L6 F . -3.72 0.11 -10.77
C17 4L6 F . -2.74 -0.66 -11.46
N18 4L6 F . -3.10 -1.81 -12.16
C19 4L6 F . -1.42 -0.21 -11.37
N20 4L6 F . -1.12 0.89 -10.67
N21 4L6 F . -2.01 1.60 -10.06
C22 4L6 F . -3.30 1.27 -10.06
C23 4L6 F . -0.28 -0.93 -11.98
N24 4L6 F . 0.96 -0.60 -11.58
O25 4L6 F . -0.46 -1.82 -12.81
#